data_6YUS
#
_entry.id   6YUS
#
_cell.length_a   136.740
_cell.length_b   136.740
_cell.length_c   70.760
_cell.angle_alpha   90.000
_cell.angle_beta   90.000
_cell.angle_gamma   90.000
#
_symmetry.space_group_name_H-M   'P 41 21 2'
#
loop_
_entity.id
_entity.type
_entity.pdbx_description
1 polymer SacC
2 non-polymer 'COENZYME A'
3 non-polymer DI(HYDROXYETHYL)ETHER
4 non-polymer 1,2-ETHANEDIOL
5 water water
#
_entity_poly.entity_id   1
_entity_poly.type   'polypeptide(L)'
_entity_poly.pdbx_seq_one_letter_code
;MLSNLKTGNNILGLPEFELNGCRFLYKKGIEKTIITFSAFPPKDIAQKYNYIKDFLSSNYTFLAFLDTKYPEDDARGTYY
ITNELDNGYLQTIHCIIQLLSNTNQEDTYLLGS(OAS)KGGVGALLLGLTYNYPNIIINAPQAKLADYIKTRSKTILSYM
LGTSKRFQDINYDYINDFLLSKIKTCDSSLKWNIHITCGKDDSYHLNELEILKNEFNIKAITIKTKLISGGADNEAIAHY
REYFKTIIQNILEHHHHHH
;
_entity_poly.pdbx_strand_id   A,B
#
loop_
_chem_comp.id
_chem_comp.type
_chem_comp.name
_chem_comp.formula
COA non-polymer 'COENZYME A' 'C21 H36 N7 O16 P3 S'
EDO non-polymer 1,2-ETHANEDIOL 'C2 H6 O2'
PEG non-polymer DI(HYDROXYETHYL)ETHER 'C4 H10 O3'
#
# COMPACT_ATOMS: atom_id res chain seq x y z
N MET A 1 -3.75 -4.31 13.96
CA MET A 1 -5.08 -4.83 14.28
C MET A 1 -6.13 -3.83 13.87
N LEU A 2 -7.14 -4.34 13.14
CA LEU A 2 -8.24 -3.52 12.65
C LEU A 2 -8.87 -2.69 13.76
N SER A 3 -9.23 -3.33 14.88
CA SER A 3 -9.82 -2.60 15.99
C SER A 3 -8.99 -1.40 16.39
N ASN A 4 -7.66 -1.50 16.32
CA ASN A 4 -6.80 -0.38 16.68
C ASN A 4 -6.75 0.69 15.59
N LEU A 5 -7.36 0.46 14.44
CA LEU A 5 -7.42 1.48 13.41
C LEU A 5 -8.66 2.35 13.51
N LYS A 6 -9.52 2.11 14.49
CA LYS A 6 -10.74 2.88 14.61
C LYS A 6 -10.42 4.35 14.87
N THR A 7 -11.13 5.24 14.17
CA THR A 7 -11.03 6.67 14.44
C THR A 7 -11.89 7.12 15.61
N GLY A 8 -12.79 6.27 16.09
CA GLY A 8 -13.77 6.65 17.09
C GLY A 8 -15.10 7.12 16.52
N ASN A 9 -15.13 7.51 15.24
CA ASN A 9 -16.34 7.94 14.58
C ASN A 9 -17.19 6.74 14.16
N ASN A 10 -18.50 6.92 14.17
CA ASN A 10 -19.42 5.86 13.77
C ASN A 10 -20.53 6.48 12.93
N ILE A 11 -20.51 6.20 11.63
CA ILE A 11 -21.46 6.79 10.68
C ILE A 11 -22.57 5.77 10.45
N LEU A 12 -23.80 6.15 10.80
CA LEU A 12 -24.91 5.20 10.79
C LEU A 12 -24.49 3.96 11.55
N GLY A 13 -24.81 2.78 11.06
CA GLY A 13 -24.41 1.68 11.93
C GLY A 13 -22.97 1.20 11.81
N LEU A 14 -22.05 1.98 11.24
CA LEU A 14 -20.78 1.44 10.77
C LEU A 14 -19.59 2.18 11.37
N PRO A 15 -18.60 1.48 11.93
CA PRO A 15 -17.43 2.17 12.48
C PRO A 15 -16.47 2.61 11.40
N GLU A 16 -15.82 3.74 11.64
CA GLU A 16 -14.85 4.28 10.71
C GLU A 16 -13.44 3.88 11.15
N PHE A 17 -12.60 3.55 10.17
CA PHE A 17 -11.21 3.23 10.41
C PHE A 17 -10.32 4.16 9.59
N GLU A 18 -9.05 4.25 9.96
CA GLU A 18 -8.06 4.91 9.13
C GLU A 18 -6.81 4.06 9.05
N LEU A 19 -6.29 3.85 7.84
CA LEU A 19 -5.03 3.15 7.62
C LEU A 19 -4.25 3.91 6.55
N ASN A 20 -3.08 4.41 6.93
CA ASN A 20 -2.20 5.14 6.02
C ASN A 20 -2.89 6.33 5.37
N GLY A 21 -3.62 7.09 6.16
CA GLY A 21 -4.32 8.27 5.66
C GLY A 21 -5.62 7.97 4.96
N CYS A 22 -6.03 6.70 4.90
CA CYS A 22 -7.18 6.26 4.11
C CYS A 22 -8.30 5.96 5.09
N ARG A 23 -9.31 6.82 5.11
CA ARG A 23 -10.44 6.63 6.00
C ARG A 23 -11.49 5.78 5.32
N PHE A 24 -12.04 4.82 6.05
CA PHE A 24 -13.00 3.90 5.44
C PHE A 24 -13.98 3.37 6.47
N LEU A 25 -15.18 3.04 5.98
CA LEU A 25 -16.17 2.27 6.72
C LEU A 25 -16.11 0.83 6.26
N TYR A 26 -16.44 -0.09 7.17
CA TYR A 26 -16.40 -1.50 6.80
C TYR A 26 -17.36 -2.26 7.71
N LYS A 27 -18.16 -3.13 7.10
CA LYS A 27 -19.08 -4.02 7.79
C LYS A 27 -19.05 -5.35 7.07
N LYS A 28 -18.82 -6.43 7.81
CA LYS A 28 -18.75 -7.75 7.20
C LYS A 28 -20.15 -8.29 6.92
N GLY A 29 -20.36 -8.76 5.71
CA GLY A 29 -21.60 -9.40 5.31
C GLY A 29 -21.29 -10.67 4.55
N ILE A 30 -22.09 -10.95 3.53
CA ILE A 30 -22.00 -12.18 2.76
C ILE A 30 -22.34 -11.93 1.29
N GLU A 31 -21.98 -12.91 0.45
CA GLU A 31 -22.43 -13.05 -0.93
C GLU A 31 -21.74 -12.09 -1.88
N LYS A 32 -21.74 -10.81 -1.54
CA LYS A 32 -21.15 -9.77 -2.38
C LYS A 32 -20.36 -8.81 -1.49
N THR A 33 -19.37 -8.15 -2.08
CA THR A 33 -18.67 -7.04 -1.46
C THR A 33 -19.00 -5.75 -2.20
N ILE A 34 -19.60 -4.79 -1.51
CA ILE A 34 -19.93 -3.50 -2.09
C ILE A 34 -18.89 -2.47 -1.66
N ILE A 35 -18.27 -1.79 -2.65
CA ILE A 35 -17.31 -0.70 -2.43
C ILE A 35 -17.86 0.60 -2.99
N THR A 36 -17.86 1.66 -2.17
CA THR A 36 -18.23 2.99 -2.65
C THR A 36 -17.12 3.99 -2.37
N PHE A 37 -17.07 5.03 -3.21
CA PHE A 37 -16.04 6.05 -3.23
C PHE A 37 -16.70 7.40 -3.05
N SER A 38 -16.12 8.25 -2.20
CA SER A 38 -16.70 9.55 -1.93
C SER A 38 -16.63 10.44 -3.16
N ALA A 39 -17.70 11.20 -3.38
CA ALA A 39 -17.71 12.21 -4.43
C ALA A 39 -17.25 13.54 -3.86
N PHE A 40 -17.11 14.52 -4.74
CA PHE A 40 -16.52 15.81 -4.40
C PHE A 40 -17.53 16.64 -3.62
N PRO A 41 -17.25 16.98 -2.36
CA PRO A 41 -18.25 17.68 -1.53
C PRO A 41 -18.38 19.13 -1.95
N PRO A 42 -19.54 19.75 -1.82
CA PRO A 42 -19.61 21.19 -2.07
C PRO A 42 -18.69 21.91 -1.10
N LYS A 43 -18.38 23.16 -1.42
CA LYS A 43 -17.40 23.92 -0.65
C LYS A 43 -17.80 24.00 0.83
N ASP A 44 -16.81 23.85 1.70
CA ASP A 44 -16.95 23.87 3.15
C ASP A 44 -17.85 22.77 3.71
N ILE A 45 -18.09 21.72 2.94
CA ILE A 45 -18.72 20.51 3.47
C ILE A 45 -17.67 19.43 3.49
N ALA A 46 -17.65 18.65 4.57
CA ALA A 46 -16.67 17.59 4.74
C ALA A 46 -16.97 16.43 3.80
N GLN A 47 -15.92 15.67 3.48
CA GLN A 47 -16.09 14.51 2.63
C GLN A 47 -17.03 13.52 3.30
N LYS A 48 -18.03 13.07 2.55
CA LYS A 48 -19.00 12.10 3.05
C LYS A 48 -18.85 10.77 2.32
N TYR A 49 -19.13 9.69 3.06
CA TYR A 49 -19.33 8.37 2.45
C TYR A 49 -20.64 8.35 1.67
N ASN A 50 -20.62 7.76 0.48
CA ASN A 50 -21.78 7.80 -0.40
C ASN A 50 -22.41 6.41 -0.56
N TYR A 51 -23.74 6.37 -0.55
CA TYR A 51 -24.53 5.18 -0.88
C TYR A 51 -24.46 4.11 0.22
N ILE A 52 -24.44 4.57 1.47
CA ILE A 52 -24.57 3.68 2.63
C ILE A 52 -26.01 3.17 2.76
N LYS A 53 -26.98 4.09 2.74
CA LYS A 53 -28.35 3.67 3.01
C LYS A 53 -28.85 2.67 1.99
N ASP A 54 -28.28 2.69 0.77
CA ASP A 54 -28.64 1.72 -0.25
C ASP A 54 -28.40 0.28 0.21
N PHE A 55 -27.43 0.06 1.09
CA PHE A 55 -27.00 -1.30 1.43
C PHE A 55 -27.11 -1.64 2.93
N LEU A 56 -27.76 -0.78 3.73
CA LEU A 56 -27.90 -1.08 5.15
C LEU A 56 -28.78 -2.29 5.39
N SER A 57 -29.73 -2.57 4.49
CA SER A 57 -30.59 -3.75 4.59
C SER A 57 -30.14 -4.90 3.69
N SER A 58 -28.89 -4.89 3.23
CA SER A 58 -28.47 -5.83 2.20
C SER A 58 -27.81 -7.09 2.73
N ASN A 59 -27.13 -7.02 3.88
CA ASN A 59 -26.30 -8.10 4.42
C ASN A 59 -25.07 -8.39 3.55
N TYR A 60 -24.84 -7.58 2.52
CA TYR A 60 -23.58 -7.67 1.79
C TYR A 60 -22.44 -7.12 2.62
N THR A 61 -21.23 -7.61 2.34
CA THR A 61 -20.05 -6.91 2.84
C THR A 61 -19.95 -5.53 2.19
N PHE A 62 -19.64 -4.53 3.02
CA PHE A 62 -19.74 -3.13 2.61
C PHE A 62 -18.51 -2.37 3.07
N LEU A 63 -17.90 -1.64 2.14
CA LEU A 63 -16.81 -0.74 2.46
C LEU A 63 -17.05 0.55 1.73
N ALA A 64 -16.77 1.67 2.41
CA ALA A 64 -16.92 2.99 1.82
C ALA A 64 -15.65 3.77 2.12
N PHE A 65 -15.15 4.51 1.14
CA PHE A 65 -13.85 5.15 1.21
C PHE A 65 -13.96 6.67 1.03
N LEU A 66 -13.24 7.43 1.84
CA LEU A 66 -13.01 8.84 1.56
C LEU A 66 -11.74 9.05 0.72
N ASP A 67 -11.60 10.27 0.22
CA ASP A 67 -10.46 10.67 -0.60
C ASP A 67 -9.33 11.12 0.34
N THR A 68 -8.21 11.53 -0.24
CA THR A 68 -7.08 12.00 0.57
C THR A 68 -7.48 13.15 1.47
N LYS A 69 -6.68 13.36 2.51
CA LYS A 69 -6.96 14.36 3.53
C LYS A 69 -6.22 15.66 3.27
N TYR A 70 -5.57 15.80 2.13
CA TYR A 70 -4.86 17.03 1.80
C TYR A 70 -5.41 17.64 0.51
N PRO A 71 -5.15 18.94 0.25
CA PRO A 71 -4.49 19.94 1.08
C PRO A 71 -5.38 20.29 2.26
N GLU A 72 -4.79 20.61 3.41
CA GLU A 72 -5.60 20.91 4.59
C GLU A 72 -6.41 22.18 4.43
N ASP A 73 -6.05 23.04 3.46
CA ASP A 73 -6.79 24.30 3.27
C ASP A 73 -8.15 24.05 2.64
N ASP A 74 -8.21 23.04 1.74
CA ASP A 74 -9.44 22.63 1.06
C ASP A 74 -9.36 21.10 0.99
N ALA A 75 -9.72 20.46 2.10
CA ALA A 75 -9.41 19.04 2.30
C ALA A 75 -10.50 18.13 1.72
N ARG A 76 -10.93 18.41 0.50
CA ARG A 76 -12.00 17.63 -0.11
C ARG A 76 -11.49 16.53 -1.03
N GLY A 77 -10.19 16.34 -1.13
CA GLY A 77 -9.69 15.19 -1.85
C GLY A 77 -8.97 15.56 -3.12
N THR A 78 -8.09 14.65 -3.55
CA THR A 78 -7.21 14.83 -4.70
C THR A 78 -7.48 13.76 -5.74
N TYR A 79 -8.75 13.40 -5.89
CA TYR A 79 -9.18 12.47 -6.93
C TYR A 79 -8.47 11.13 -6.76
N TYR A 80 -8.22 10.76 -5.50
CA TYR A 80 -7.60 9.47 -5.14
C TYR A 80 -6.19 9.34 -5.69
N ILE A 81 -5.57 10.48 -5.99
CA ILE A 81 -4.20 10.57 -6.48
C ILE A 81 -3.35 11.17 -5.38
N THR A 82 -2.16 10.63 -5.18
CA THR A 82 -1.36 11.14 -4.06
C THR A 82 -0.77 12.49 -4.41
N ASN A 83 -0.26 13.17 -3.38
CA ASN A 83 0.51 14.38 -3.60
C ASN A 83 1.71 14.13 -4.50
N GLU A 84 2.18 12.90 -4.62
CA GLU A 84 3.23 12.61 -5.57
C GLU A 84 2.68 12.17 -6.91
N LEU A 85 1.37 12.32 -7.11
CA LEU A 85 0.74 12.00 -8.39
C LEU A 85 1.02 10.55 -8.78
N ASP A 86 0.84 9.62 -7.84
CA ASP A 86 1.07 8.21 -8.15
C ASP A 86 -0.05 7.41 -7.52
N ASN A 87 0.16 6.08 -7.47
CA ASN A 87 -0.87 5.13 -7.08
C ASN A 87 -0.88 4.84 -5.58
N GLY A 88 -0.05 5.53 -4.79
CA GLY A 88 0.13 5.15 -3.38
C GLY A 88 -1.18 5.03 -2.60
N TYR A 89 -2.15 5.88 -2.89
CA TYR A 89 -3.40 5.90 -2.14
C TYR A 89 -4.33 4.78 -2.61
N LEU A 90 -4.47 4.64 -3.94
CA LEU A 90 -5.17 3.49 -4.52
C LEU A 90 -4.59 2.18 -4.04
N GLN A 91 -3.28 2.12 -3.84
CA GLN A 91 -2.64 0.89 -3.38
C GLN A 91 -3.08 0.52 -1.97
N THR A 92 -3.24 1.52 -1.10
CA THR A 92 -3.76 1.27 0.24
C THR A 92 -5.20 0.78 0.19
N ILE A 93 -6.04 1.43 -0.62
CA ILE A 93 -7.42 0.98 -0.78
C ILE A 93 -7.46 -0.48 -1.21
N HIS A 94 -6.62 -0.84 -2.20
CA HIS A 94 -6.57 -2.21 -2.71
C HIS A 94 -6.27 -3.21 -1.58
N CYS A 95 -5.24 -2.93 -0.78
CA CYS A 95 -4.89 -3.85 0.31
C CYS A 95 -6.05 -4.02 1.26
N ILE A 96 -6.72 -2.92 1.60
CA ILE A 96 -7.80 -3.00 2.56
C ILE A 96 -8.90 -3.92 2.03
N ILE A 97 -9.29 -3.71 0.76
CA ILE A 97 -10.33 -4.54 0.14
C ILE A 97 -9.88 -5.99 0.05
N GLN A 98 -8.65 -6.20 -0.45
CA GLN A 98 -8.22 -7.58 -0.68
C GLN A 98 -8.18 -8.36 0.61
N LEU A 99 -7.80 -7.72 1.71
CA LEU A 99 -7.62 -8.49 2.94
C LEU A 99 -8.88 -8.57 3.80
N LEU A 100 -9.80 -7.61 3.66
CA LEU A 100 -11.01 -7.56 4.48
C LEU A 100 -12.23 -8.17 3.80
N SER A 101 -12.30 -8.14 2.47
CA SER A 101 -13.44 -8.70 1.77
C SER A 101 -13.43 -10.23 1.90
N ASN A 102 -14.62 -10.82 1.92
CA ASN A 102 -14.74 -12.26 2.03
C ASN A 102 -15.44 -12.85 0.83
N THR A 103 -15.29 -12.21 -0.33
CA THR A 103 -15.85 -12.70 -1.58
C THR A 103 -14.82 -12.55 -2.69
N ASN A 104 -15.04 -13.29 -3.78
CA ASN A 104 -14.23 -13.20 -4.99
C ASN A 104 -14.30 -11.82 -5.61
N GLN A 105 -13.37 -11.59 -6.53
CA GLN A 105 -13.26 -10.30 -7.21
C GLN A 105 -14.48 -10.05 -8.09
N GLU A 106 -15.03 -11.11 -8.70
CA GLU A 106 -16.19 -11.05 -9.57
C GLU A 106 -17.48 -10.84 -8.80
N ASP A 107 -17.45 -11.00 -7.47
CA ASP A 107 -18.57 -10.74 -6.59
C ASP A 107 -18.39 -9.43 -5.84
N THR A 108 -17.51 -8.57 -6.34
CA THR A 108 -17.18 -7.29 -5.74
C THR A 108 -17.59 -6.20 -6.73
N TYR A 109 -18.15 -5.10 -6.22
CA TYR A 109 -18.73 -4.04 -7.05
C TYR A 109 -18.21 -2.70 -6.59
N LEU A 110 -17.68 -1.91 -7.51
CA LEU A 110 -17.20 -0.56 -7.23
C LEU A 110 -18.23 0.46 -7.67
N LEU A 111 -18.72 1.27 -6.71
CA LEU A 111 -19.74 2.25 -6.97
C LEU A 111 -19.20 3.66 -6.73
N GLY A 112 -19.72 4.62 -7.49
CA GLY A 112 -19.45 6.02 -7.25
C GLY A 112 -19.94 6.95 -8.35
N SER A 113 -20.32 8.17 -7.96
CA SER A 113 -20.77 9.20 -8.89
C SER A 113 -19.76 10.35 -8.95
N OAS A 114 -19.62 11.00 -10.10
CA OAS A 114 -18.78 12.17 -10.15
CB OAS A 114 -19.26 13.25 -9.16
OG OAS A 114 -18.77 14.51 -9.64
C OAS A 114 -17.32 11.73 -9.85
O OAS A 114 -16.77 10.76 -10.41
C2A OAS A 114 -17.23 16.19 -9.42
C1A OAS A 114 -18.11 15.26 -8.71
OAC OAS A 114 -17.94 14.83 -7.56
N LYS A 115 -16.69 12.44 -8.91
CA LYS A 115 -15.32 12.11 -8.49
C LYS A 115 -15.25 10.68 -7.94
N GLY A 116 -16.33 10.24 -7.29
CA GLY A 116 -16.38 8.88 -6.78
C GLY A 116 -16.30 7.85 -7.89
N GLY A 117 -16.87 8.14 -9.06
CA GLY A 117 -16.77 7.19 -10.15
C GLY A 117 -15.39 7.17 -10.76
N VAL A 118 -14.71 8.31 -10.77
CA VAL A 118 -13.31 8.36 -11.13
C VAL A 118 -12.49 7.46 -10.21
N GLY A 119 -12.69 7.58 -8.90
CA GLY A 119 -11.98 6.72 -7.99
C GLY A 119 -12.26 5.25 -8.25
N ALA A 120 -13.51 4.91 -8.54
CA ALA A 120 -13.86 3.52 -8.87
C ALA A 120 -13.13 3.08 -10.14
N LEU A 121 -13.13 3.92 -11.18
CA LEU A 121 -12.38 3.58 -12.39
C LEU A 121 -10.89 3.43 -12.09
N LEU A 122 -10.28 4.39 -11.39
CA LEU A 122 -8.86 4.31 -11.14
C LEU A 122 -8.51 3.01 -10.40
N LEU A 123 -9.31 2.64 -9.39
CA LEU A 123 -9.01 1.43 -8.62
C LEU A 123 -9.22 0.19 -9.47
N GLY A 124 -10.37 0.12 -10.13
CA GLY A 124 -10.74 -1.08 -10.85
C GLY A 124 -9.84 -1.35 -12.04
N LEU A 125 -9.46 -0.29 -12.76
CA LEU A 125 -8.58 -0.45 -13.91
C LEU A 125 -7.13 -0.70 -13.50
N THR A 126 -6.73 -0.21 -12.32
CA THR A 126 -5.36 -0.48 -11.89
C THR A 126 -5.21 -1.92 -11.39
N TYR A 127 -6.19 -2.43 -10.65
CA TYR A 127 -6.02 -3.71 -9.97
C TYR A 127 -7.03 -4.75 -10.40
N ASN A 128 -7.72 -4.54 -11.53
CA ASN A 128 -8.53 -5.57 -12.14
C ASN A 128 -9.77 -5.92 -11.30
N TYR A 129 -10.51 -4.91 -10.87
CA TYR A 129 -11.85 -5.14 -10.33
C TYR A 129 -12.80 -5.03 -11.51
N PRO A 130 -13.46 -6.13 -11.96
CA PRO A 130 -14.19 -6.07 -13.24
C PRO A 130 -15.51 -5.33 -13.18
N ASN A 131 -16.17 -5.28 -12.02
CA ASN A 131 -17.55 -4.77 -11.88
C ASN A 131 -17.48 -3.32 -11.42
N ILE A 132 -17.77 -2.39 -12.32
CA ILE A 132 -17.66 -0.96 -12.06
C ILE A 132 -18.95 -0.30 -12.59
N ILE A 133 -19.68 0.34 -11.69
CA ILE A 133 -21.01 0.86 -11.99
C ILE A 133 -21.06 2.25 -11.42
N ILE A 134 -20.98 3.26 -12.31
CA ILE A 134 -20.69 4.64 -11.92
C ILE A 134 -21.55 5.60 -12.74
N ASN A 135 -21.66 6.83 -12.24
CA ASN A 135 -22.42 7.87 -12.94
C ASN A 135 -21.53 9.07 -13.19
N ALA A 136 -21.59 9.59 -14.41
CA ALA A 136 -20.94 10.83 -14.83
C ALA A 136 -19.56 11.04 -14.23
N PRO A 137 -18.57 10.18 -14.56
CA PRO A 137 -17.19 10.48 -14.17
C PRO A 137 -16.61 11.59 -15.00
N GLN A 138 -15.71 12.36 -14.38
CA GLN A 138 -14.93 13.25 -15.21
C GLN A 138 -13.92 12.41 -15.99
N ALA A 139 -13.45 12.98 -17.10
CA ALA A 139 -12.41 12.40 -17.93
C ALA A 139 -11.13 13.21 -17.87
N LYS A 140 -11.23 14.52 -18.11
CA LYS A 140 -10.10 15.44 -18.06
C LYS A 140 -10.05 16.00 -16.65
N LEU A 141 -9.24 15.38 -15.79
CA LEU A 141 -9.41 15.61 -14.34
C LEU A 141 -9.02 17.02 -13.92
N ALA A 142 -7.95 17.59 -14.48
CA ALA A 142 -7.48 18.90 -14.03
C ALA A 142 -8.38 20.02 -14.53
N ASP A 143 -8.81 19.92 -15.80
CA ASP A 143 -9.87 20.79 -16.32
C ASP A 143 -11.05 20.88 -15.39
N TYR A 144 -11.46 19.77 -14.78
CA TYR A 144 -12.62 19.83 -13.89
C TYR A 144 -12.25 20.38 -12.52
N ILE A 145 -11.13 19.91 -11.93
CA ILE A 145 -10.76 20.31 -10.58
C ILE A 145 -10.59 21.81 -10.48
N LYS A 146 -10.03 22.44 -11.53
CA LYS A 146 -9.81 23.89 -11.44
C LYS A 146 -11.12 24.66 -11.39
N THR A 147 -12.22 24.09 -11.87
CA THR A 147 -13.49 24.80 -11.77
C THR A 147 -14.12 24.66 -10.38
N ARG A 148 -13.53 23.86 -9.50
CA ARG A 148 -14.08 23.66 -8.16
C ARG A 148 -13.20 24.21 -7.06
N SER A 149 -11.89 24.20 -7.25
CA SER A 149 -10.95 24.61 -6.19
C SER A 149 -9.58 24.79 -6.81
N LYS A 150 -9.15 26.05 -6.91
CA LYS A 150 -7.80 26.37 -7.34
C LYS A 150 -6.77 25.87 -6.33
N THR A 151 -7.11 25.86 -5.04
CA THR A 151 -6.18 25.38 -4.03
C THR A 151 -5.78 23.93 -4.28
N ILE A 152 -6.77 23.07 -4.52
CA ILE A 152 -6.47 21.65 -4.68
C ILE A 152 -5.63 21.42 -5.93
N LEU A 153 -6.03 22.03 -7.06
CA LEU A 153 -5.25 21.85 -8.28
C LEU A 153 -3.85 22.42 -8.12
N SER A 154 -3.71 23.56 -7.46
CA SER A 154 -2.36 24.07 -7.22
C SER A 154 -1.56 23.11 -6.35
N TYR A 155 -2.19 22.54 -5.32
CA TYR A 155 -1.50 21.58 -4.47
C TYR A 155 -1.01 20.39 -5.30
N MET A 156 -1.91 19.76 -6.05
CA MET A 156 -1.49 18.68 -6.92
C MET A 156 -0.46 19.13 -7.95
N LEU A 157 -0.49 20.40 -8.38
CA LEU A 157 0.42 20.80 -9.45
C LEU A 157 1.86 20.94 -8.95
N GLY A 158 2.05 21.41 -7.74
CA GLY A 158 3.39 21.55 -7.23
C GLY A 158 3.81 23.00 -7.27
N THR A 159 5.07 23.24 -6.89
CA THR A 159 5.56 24.59 -6.66
C THR A 159 6.33 25.17 -7.84
N SER A 160 7.02 24.33 -8.61
CA SER A 160 7.91 24.86 -9.64
C SER A 160 7.09 25.36 -10.82
N LYS A 161 7.29 26.63 -11.19
CA LYS A 161 6.55 27.22 -12.30
C LYS A 161 6.70 26.40 -13.57
N ARG A 162 7.94 26.03 -13.90
CA ARG A 162 8.31 25.31 -15.12
C ARG A 162 7.97 23.83 -15.08
N PHE A 163 7.11 23.40 -14.13
CA PHE A 163 6.52 22.07 -14.18
C PHE A 163 5.01 22.11 -13.98
N GLN A 164 4.42 23.30 -13.90
CA GLN A 164 2.98 23.35 -13.71
C GLN A 164 2.24 22.89 -14.96
N ASP A 165 2.80 23.14 -16.14
CA ASP A 165 2.19 22.62 -17.37
C ASP A 165 2.30 21.10 -17.48
N ILE A 166 3.49 20.55 -17.20
CA ILE A 166 3.69 19.10 -17.34
C ILE A 166 2.77 18.34 -16.40
N ASN A 167 2.82 18.68 -15.12
CA ASN A 167 1.92 18.07 -14.14
C ASN A 167 0.45 18.30 -14.47
N TYR A 168 0.11 19.39 -15.17
CA TYR A 168 -1.31 19.60 -15.50
C TYR A 168 -1.80 18.54 -16.45
N ASP A 169 -1.05 18.27 -17.51
CA ASP A 169 -1.45 17.21 -18.45
C ASP A 169 -1.36 15.84 -17.81
N TYR A 170 -0.44 15.68 -16.87
CA TYR A 170 -0.31 14.39 -16.18
C TYR A 170 -1.54 14.13 -15.32
N ILE A 171 -1.96 15.12 -14.54
CA ILE A 171 -3.21 15.01 -13.78
C ILE A 171 -4.39 14.86 -14.72
N ASN A 172 -4.48 15.75 -15.73
CA ASN A 172 -5.60 15.75 -16.64
C ASN A 172 -5.79 14.38 -17.28
N ASP A 173 -4.71 13.68 -17.57
CA ASP A 173 -4.78 12.43 -18.33
C ASP A 173 -4.61 11.20 -17.46
N PHE A 174 -4.64 11.38 -16.14
CA PHE A 174 -4.29 10.29 -15.23
C PHE A 174 -5.28 9.14 -15.35
N LEU A 175 -6.58 9.45 -15.42
CA LEU A 175 -7.58 8.39 -15.68
C LEU A 175 -7.43 7.83 -17.10
N LEU A 176 -7.27 8.69 -18.10
CA LEU A 176 -7.15 8.17 -19.47
C LEU A 176 -5.94 7.23 -19.59
N SER A 177 -4.84 7.53 -18.88
CA SER A 177 -3.68 6.65 -18.90
C SER A 177 -4.01 5.29 -18.31
N LYS A 178 -4.81 5.25 -17.24
CA LYS A 178 -5.18 3.95 -16.68
C LYS A 178 -5.93 3.12 -17.70
N ILE A 179 -6.78 3.74 -18.50
CA ILE A 179 -7.48 2.99 -19.55
C ILE A 179 -6.48 2.50 -20.57
N LYS A 180 -5.54 3.39 -20.97
CA LYS A 180 -4.54 3.03 -21.99
C LYS A 180 -3.69 1.83 -21.55
N THR A 181 -3.50 1.64 -20.25
CA THR A 181 -2.57 0.61 -19.77
C THR A 181 -3.30 -0.54 -19.09
N CYS A 182 -4.63 -0.56 -19.12
CA CYS A 182 -5.31 -1.64 -18.39
C CYS A 182 -5.21 -2.92 -19.18
N ASP A 183 -5.66 -3.99 -18.56
CA ASP A 183 -5.61 -5.32 -19.13
C ASP A 183 -6.84 -5.48 -20.02
N SER A 184 -6.64 -5.55 -21.33
CA SER A 184 -7.79 -5.72 -22.21
C SER A 184 -8.39 -7.11 -22.12
N SER A 185 -7.68 -8.09 -21.53
CA SER A 185 -8.26 -9.43 -21.55
C SER A 185 -9.25 -9.68 -20.42
N LEU A 186 -9.35 -8.77 -19.45
CA LEU A 186 -10.24 -8.98 -18.33
C LEU A 186 -11.69 -8.92 -18.82
N LYS A 187 -12.56 -9.73 -18.22
CA LYS A 187 -13.96 -9.72 -18.63
C LYS A 187 -14.63 -8.53 -17.96
N TRP A 188 -14.32 -7.35 -18.49
CA TRP A 188 -14.75 -6.11 -17.86
C TRP A 188 -16.27 -6.05 -17.80
N ASN A 189 -16.80 -5.54 -16.69
CA ASN A 189 -18.25 -5.34 -16.54
C ASN A 189 -18.47 -3.90 -16.10
N ILE A 190 -18.17 -2.98 -16.98
CA ILE A 190 -18.20 -1.56 -16.66
C ILE A 190 -19.54 -0.97 -17.11
N HIS A 191 -20.26 -0.34 -16.18
CA HIS A 191 -21.50 0.39 -16.50
C HIS A 191 -21.30 1.86 -16.11
N ILE A 192 -21.56 2.75 -17.06
CA ILE A 192 -21.51 4.18 -16.80
C ILE A 192 -22.85 4.80 -17.20
N THR A 193 -23.58 5.31 -16.22
CA THR A 193 -24.74 6.12 -16.49
C THR A 193 -24.36 7.60 -16.54
N CYS A 194 -25.24 8.40 -17.12
CA CYS A 194 -25.06 9.85 -17.22
C CYS A 194 -26.44 10.46 -17.49
N GLY A 195 -26.70 11.60 -16.88
CA GLY A 195 -27.96 12.27 -17.13
C GLY A 195 -28.09 12.71 -18.58
N LYS A 196 -29.31 12.61 -19.11
CA LYS A 196 -29.57 12.97 -20.50
C LYS A 196 -29.20 14.43 -20.79
N ASP A 197 -29.42 15.31 -19.82
CA ASP A 197 -29.22 16.75 -19.97
C ASP A 197 -27.89 17.22 -19.33
N ASP A 198 -26.97 16.30 -19.07
CA ASP A 198 -25.66 16.59 -18.48
C ASP A 198 -24.66 16.69 -19.62
N SER A 199 -24.70 17.82 -20.36
CA SER A 199 -23.90 17.92 -21.59
C SER A 199 -22.40 17.81 -21.30
N TYR A 200 -21.91 18.47 -20.25
CA TYR A 200 -20.49 18.42 -19.90
C TYR A 200 -20.06 16.98 -19.73
N HIS A 201 -20.72 16.26 -18.82
CA HIS A 201 -20.34 14.88 -18.54
C HIS A 201 -20.78 13.90 -19.63
N LEU A 202 -21.73 14.27 -20.48
CA LEU A 202 -21.98 13.47 -21.67
C LEU A 202 -20.75 13.44 -22.58
N ASN A 203 -20.09 14.60 -22.75
CA ASN A 203 -18.87 14.64 -23.54
C ASN A 203 -17.70 13.97 -22.83
N GLU A 204 -17.54 14.17 -21.50
CA GLU A 204 -16.53 13.36 -20.80
C GLU A 204 -16.72 11.87 -21.07
N LEU A 205 -17.97 11.41 -21.13
CA LEU A 205 -18.22 10.00 -21.37
C LEU A 205 -17.70 9.56 -22.74
N GLU A 206 -17.87 10.42 -23.75
CA GLU A 206 -17.39 10.08 -25.08
C GLU A 206 -15.86 10.03 -25.07
N ILE A 207 -15.23 10.98 -24.40
CA ILE A 207 -13.78 10.90 -24.22
C ILE A 207 -13.39 9.55 -23.63
N LEU A 208 -14.06 9.14 -22.54
CA LEU A 208 -13.76 7.84 -21.92
C LEU A 208 -14.03 6.69 -22.87
N LYS A 209 -15.16 6.75 -23.58
CA LYS A 209 -15.58 5.65 -24.45
C LYS A 209 -14.60 5.46 -25.58
N ASN A 210 -14.05 6.56 -26.11
CA ASN A 210 -13.03 6.43 -27.15
C ASN A 210 -11.82 5.66 -26.64
N GLU A 211 -11.40 5.89 -25.39
CA GLU A 211 -10.26 5.16 -24.85
C GLU A 211 -10.57 3.67 -24.65
N PHE A 212 -11.76 3.37 -24.11
CA PHE A 212 -12.19 1.98 -24.01
C PHE A 212 -12.26 1.33 -25.39
N ASN A 213 -12.86 2.05 -26.36
CA ASN A 213 -13.07 1.50 -27.69
C ASN A 213 -11.76 1.01 -28.28
N ILE A 214 -10.72 1.85 -28.25
CA ILE A 214 -9.45 1.47 -28.87
C ILE A 214 -8.66 0.45 -28.05
N LYS A 215 -9.00 0.24 -26.78
CA LYS A 215 -8.49 -0.91 -26.04
C LYS A 215 -9.36 -2.16 -26.20
N ALA A 216 -10.33 -2.16 -27.11
CA ALA A 216 -11.27 -3.28 -27.33
C ALA A 216 -12.06 -3.63 -26.06
N ILE A 217 -12.32 -2.65 -25.23
CA ILE A 217 -13.11 -2.85 -24.03
C ILE A 217 -14.54 -2.37 -24.31
N THR A 218 -15.50 -3.29 -24.25
CA THR A 218 -16.90 -2.90 -24.43
C THR A 218 -17.50 -2.62 -23.06
N ILE A 219 -18.11 -1.44 -22.92
CA ILE A 219 -18.71 -1.01 -21.67
C ILE A 219 -20.19 -0.81 -21.94
N LYS A 220 -20.98 -0.75 -20.87
CA LYS A 220 -22.40 -0.42 -20.98
C LYS A 220 -22.59 1.01 -20.54
N THR A 221 -23.32 1.78 -21.34
CA THR A 221 -23.65 3.17 -21.06
C THR A 221 -25.16 3.30 -21.13
N LYS A 222 -25.71 4.14 -20.25
CA LYS A 222 -27.14 4.37 -20.24
C LYS A 222 -27.38 5.84 -19.94
N LEU A 223 -28.14 6.51 -20.81
CA LEU A 223 -28.58 7.86 -20.54
C LEU A 223 -29.78 7.79 -19.60
N ILE A 224 -29.69 8.50 -18.48
CA ILE A 224 -30.78 8.55 -17.52
C ILE A 224 -31.37 9.96 -17.48
N SER A 225 -32.52 10.08 -16.86
CA SER A 225 -33.20 11.35 -16.77
C SER A 225 -32.48 12.26 -15.78
N GLY A 226 -32.44 13.54 -16.12
CA GLY A 226 -31.76 14.53 -15.31
C GLY A 226 -30.49 15.01 -15.99
N GLY A 227 -29.83 15.95 -15.30
CA GLY A 227 -28.55 16.47 -15.74
C GLY A 227 -27.47 16.18 -14.73
N ALA A 228 -26.73 17.21 -14.29
CA ALA A 228 -25.73 17.04 -13.23
C ALA A 228 -26.37 17.40 -11.90
N ASP A 229 -27.31 16.56 -11.49
CA ASP A 229 -28.23 16.92 -10.41
C ASP A 229 -28.61 15.65 -9.65
N ASN A 230 -29.54 15.80 -8.69
CA ASN A 230 -29.95 14.68 -7.85
C ASN A 230 -31.03 13.84 -8.51
N GLU A 231 -31.67 14.34 -9.56
CA GLU A 231 -32.48 13.46 -10.38
C GLU A 231 -31.62 12.36 -10.99
N ALA A 232 -30.55 12.75 -11.68
CA ALA A 232 -29.65 11.73 -12.25
C ALA A 232 -29.12 10.79 -11.17
N ILE A 233 -28.85 11.31 -9.97
CA ILE A 233 -28.32 10.45 -8.91
C ILE A 233 -29.35 9.39 -8.51
N ALA A 234 -30.62 9.80 -8.41
CA ALA A 234 -31.66 8.86 -8.02
C ALA A 234 -31.79 7.73 -9.04
N HIS A 235 -31.75 8.08 -10.33
CA HIS A 235 -31.78 7.05 -11.37
C HIS A 235 -30.51 6.21 -11.37
N TYR A 236 -29.38 6.81 -11.02
CA TYR A 236 -28.15 6.05 -10.91
C TYR A 236 -28.27 4.99 -9.81
N ARG A 237 -28.78 5.40 -8.63
CA ARG A 237 -29.07 4.47 -7.54
C ARG A 237 -29.99 3.33 -7.97
N GLU A 238 -31.07 3.65 -8.68
CA GLU A 238 -31.94 2.58 -9.18
C GLU A 238 -31.19 1.67 -10.14
N TYR A 239 -30.34 2.24 -11.00
CA TYR A 239 -29.58 1.42 -11.94
C TYR A 239 -28.67 0.44 -11.21
N PHE A 240 -27.88 0.91 -10.25
CA PHE A 240 -26.90 -0.05 -9.70
C PHE A 240 -27.55 -1.08 -8.80
N LYS A 241 -28.69 -0.76 -8.18
CA LYS A 241 -29.42 -1.80 -7.45
C LYS A 241 -29.94 -2.87 -8.41
N THR A 242 -30.49 -2.46 -9.55
CA THR A 242 -30.99 -3.43 -10.51
C THR A 242 -29.88 -4.33 -11.01
N ILE A 243 -28.71 -3.77 -11.31
CA ILE A 243 -27.64 -4.60 -11.86
C ILE A 243 -27.09 -5.55 -10.82
N ILE A 244 -26.93 -5.07 -9.58
CA ILE A 244 -26.37 -5.93 -8.55
C ILE A 244 -27.29 -7.13 -8.27
N GLN A 245 -28.60 -6.96 -8.43
CA GLN A 245 -29.50 -8.09 -8.25
C GLN A 245 -30.23 -8.49 -9.54
N MET B 1 -9.91 -11.07 -1.04
CA MET B 1 -10.08 -12.13 -0.07
C MET B 1 -8.74 -12.84 0.07
N LEU B 2 -8.29 -12.96 1.32
CA LEU B 2 -6.97 -13.48 1.60
C LEU B 2 -6.68 -14.76 0.82
N SER B 3 -7.60 -15.73 0.82
CA SER B 3 -7.28 -17.02 0.17
C SER B 3 -7.15 -16.88 -1.34
N ASN B 4 -7.71 -15.84 -1.93
CA ASN B 4 -7.51 -15.66 -3.37
C ASN B 4 -6.17 -15.05 -3.70
N LEU B 5 -5.42 -14.62 -2.68
CA LEU B 5 -4.05 -14.13 -2.90
C LEU B 5 -3.03 -15.25 -2.86
N LYS B 6 -3.46 -16.49 -2.66
CA LYS B 6 -2.51 -17.59 -2.57
C LYS B 6 -1.69 -17.74 -3.85
N THR B 7 -0.40 -18.05 -3.71
CA THR B 7 0.47 -18.28 -4.87
C THR B 7 0.55 -19.75 -5.29
N GLY B 8 0.14 -20.68 -4.45
CA GLY B 8 0.31 -22.09 -4.75
C GLY B 8 1.50 -22.73 -4.07
N ASN B 9 2.42 -21.95 -3.55
CA ASN B 9 3.52 -22.53 -2.79
C ASN B 9 3.05 -22.73 -1.37
N ASN B 10 3.63 -23.75 -0.72
CA ASN B 10 3.41 -24.09 0.67
C ASN B 10 4.78 -24.34 1.28
N ILE B 11 5.05 -23.73 2.44
CA ILE B 11 6.36 -23.81 3.08
C ILE B 11 6.13 -24.34 4.50
N LEU B 12 6.59 -25.56 4.77
CA LEU B 12 6.42 -26.14 6.09
C LEU B 12 4.95 -26.12 6.51
N GLY B 13 4.06 -26.37 5.52
CA GLY B 13 2.63 -26.34 5.74
C GLY B 13 1.96 -25.00 5.54
N LEU B 14 2.73 -23.92 5.59
CA LEU B 14 2.14 -22.58 5.53
C LEU B 14 1.90 -22.17 4.09
N PRO B 15 0.69 -21.77 3.72
CA PRO B 15 0.46 -21.35 2.33
C PRO B 15 1.06 -19.98 2.09
N GLU B 16 1.66 -19.79 0.92
CA GLU B 16 2.22 -18.49 0.59
C GLU B 16 1.16 -17.62 -0.06
N PHE B 17 1.21 -16.31 0.22
CA PHE B 17 0.29 -15.32 -0.35
C PHE B 17 1.09 -14.25 -1.06
N GLU B 18 0.42 -13.51 -1.93
CA GLU B 18 1.08 -12.38 -2.55
C GLU B 18 0.09 -11.23 -2.75
N LEU B 19 0.52 -10.03 -2.40
CA LEU B 19 -0.33 -8.85 -2.53
C LEU B 19 0.53 -7.69 -2.98
N ASN B 20 0.22 -7.14 -4.14
CA ASN B 20 0.97 -6.01 -4.66
C ASN B 20 2.45 -6.30 -4.78
N GLY B 21 2.79 -7.53 -5.23
CA GLY B 21 4.16 -7.92 -5.41
C GLY B 21 4.86 -8.35 -4.14
N CYS B 22 4.15 -8.45 -3.05
CA CYS B 22 4.72 -8.69 -1.73
C CYS B 22 4.31 -10.08 -1.29
N ARG B 23 5.28 -11.00 -1.21
CA ARG B 23 5.01 -12.39 -0.87
C ARG B 23 5.16 -12.60 0.63
N PHE B 24 4.22 -13.33 1.24
CA PHE B 24 4.27 -13.53 2.68
C PHE B 24 3.62 -14.83 3.06
N LEU B 25 4.03 -15.32 4.22
CA LEU B 25 3.39 -16.41 4.94
C LEU B 25 2.61 -15.79 6.10
N TYR B 26 1.50 -16.46 6.47
CA TYR B 26 0.65 -15.96 7.55
C TYR B 26 0.05 -17.14 8.28
N LYS B 27 0.12 -17.10 9.61
CA LYS B 27 -0.60 -18.06 10.43
C LYS B 27 -1.16 -17.27 11.60
N LYS B 28 -2.43 -17.48 11.88
CA LYS B 28 -3.14 -16.72 12.90
C LYS B 28 -3.04 -17.44 14.24
N GLY B 29 -2.42 -16.78 15.22
CA GLY B 29 -2.36 -17.30 16.57
C GLY B 29 -2.96 -16.38 17.61
N ILE B 30 -2.39 -16.37 18.80
CA ILE B 30 -2.82 -15.51 19.88
C ILE B 30 -1.60 -14.84 20.52
N GLU B 31 -1.88 -13.82 21.33
CA GLU B 31 -0.98 -13.23 22.31
C GLU B 31 0.14 -12.34 21.76
N LYS B 32 0.87 -12.80 20.74
CA LYS B 32 1.96 -12.02 20.15
C LYS B 32 1.94 -12.21 18.65
N THR B 33 2.39 -11.18 17.93
CA THR B 33 2.59 -11.28 16.48
C THR B 33 4.11 -11.25 16.21
N ILE B 34 4.61 -12.31 15.57
CA ILE B 34 6.01 -12.39 15.17
C ILE B 34 6.11 -12.13 13.68
N ILE B 35 6.95 -11.17 13.30
CA ILE B 35 7.19 -10.83 11.91
C ILE B 35 8.65 -11.10 11.59
N THR B 36 8.91 -11.82 10.49
CA THR B 36 10.28 -11.99 10.02
C THR B 36 10.39 -11.50 8.58
N PHE B 37 11.59 -11.02 8.23
CA PHE B 37 11.91 -10.47 6.93
C PHE B 37 13.04 -11.30 6.33
N SER B 38 12.99 -11.50 5.03
CA SER B 38 13.97 -12.36 4.35
C SER B 38 15.32 -11.66 4.22
N ALA B 39 16.40 -12.42 4.40
CA ALA B 39 17.78 -12.01 4.18
C ALA B 39 18.22 -12.30 2.74
N PHE B 40 19.43 -11.84 2.42
CA PHE B 40 19.95 -11.92 1.07
C PHE B 40 20.37 -13.34 0.74
N PRO B 41 19.73 -14.03 -0.18
CA PRO B 41 20.12 -15.41 -0.48
C PRO B 41 21.37 -15.45 -1.33
N PRO B 42 22.06 -16.60 -1.36
CA PRO B 42 23.18 -16.78 -2.30
C PRO B 42 22.75 -16.57 -3.75
N LYS B 43 23.73 -16.30 -4.60
CA LYS B 43 23.42 -16.11 -6.01
C LYS B 43 22.76 -17.37 -6.57
N ASP B 44 21.68 -17.19 -7.34
CA ASP B 44 20.88 -18.25 -7.96
C ASP B 44 20.05 -19.07 -6.97
N ILE B 45 19.93 -18.65 -5.72
CA ILE B 45 19.04 -19.31 -4.76
C ILE B 45 17.83 -18.39 -4.55
N ALA B 46 16.65 -18.98 -4.56
CA ALA B 46 15.43 -18.21 -4.35
C ALA B 46 15.40 -17.61 -2.94
N GLN B 47 14.76 -16.45 -2.81
CA GLN B 47 14.56 -15.83 -1.51
C GLN B 47 13.80 -16.76 -0.56
N LYS B 48 14.20 -16.75 0.70
CA LYS B 48 13.70 -17.65 1.73
C LYS B 48 13.00 -16.84 2.81
N TYR B 49 11.88 -17.37 3.32
CA TYR B 49 11.38 -16.91 4.61
C TYR B 49 12.33 -17.43 5.71
N ASN B 50 12.79 -16.54 6.59
CA ASN B 50 13.70 -16.98 7.64
C ASN B 50 12.97 -17.09 8.98
N TYR B 51 13.43 -18.06 9.77
CA TYR B 51 13.06 -18.21 11.18
C TYR B 51 11.61 -18.64 11.33
N ILE B 52 11.15 -19.48 10.38
CA ILE B 52 9.89 -20.21 10.55
C ILE B 52 10.00 -21.23 11.67
N LYS B 53 11.06 -22.05 11.64
CA LYS B 53 11.12 -23.20 12.53
C LYS B 53 11.12 -22.77 14.00
N ASP B 54 11.64 -21.57 14.27
CA ASP B 54 11.73 -21.05 15.63
C ASP B 54 10.35 -20.84 16.24
N PHE B 55 9.29 -20.75 15.42
CA PHE B 55 7.96 -20.48 15.94
C PHE B 55 6.93 -21.53 15.56
N LEU B 56 7.33 -22.60 14.87
CA LEU B 56 6.38 -23.62 14.46
C LEU B 56 5.60 -24.19 15.63
N SER B 57 6.26 -24.46 16.74
CA SER B 57 5.54 -24.97 17.90
C SER B 57 4.82 -23.89 18.69
N SER B 58 5.02 -22.62 18.37
CA SER B 58 4.44 -21.53 19.14
C SER B 58 2.96 -21.37 18.84
N ASN B 59 2.27 -20.63 19.72
CA ASN B 59 0.87 -20.26 19.51
C ASN B 59 0.71 -18.83 19.01
N TYR B 60 1.81 -18.15 18.68
CA TYR B 60 1.75 -16.76 18.28
C TYR B 60 1.28 -16.63 16.84
N THR B 61 0.72 -15.47 16.53
CA THR B 61 0.48 -15.10 15.15
C THR B 61 1.83 -14.88 14.50
N PHE B 62 1.94 -15.30 13.24
CA PHE B 62 3.22 -15.39 12.55
C PHE B 62 3.06 -14.86 11.14
N LEU B 63 3.93 -13.94 10.77
CA LEU B 63 4.02 -13.46 9.39
C LEU B 63 5.48 -13.47 9.00
N ALA B 64 5.72 -13.77 7.74
CA ALA B 64 7.08 -13.83 7.23
C ALA B 64 7.06 -13.22 5.83
N PHE B 65 7.95 -12.28 5.57
CA PHE B 65 7.93 -11.52 4.33
C PHE B 65 9.19 -11.80 3.53
N LEU B 66 9.05 -11.81 2.21
CA LEU B 66 10.16 -11.76 1.28
C LEU B 66 10.36 -10.34 0.76
N ASP B 67 11.44 -10.15 0.02
CA ASP B 67 11.82 -8.86 -0.54
C ASP B 67 11.16 -8.73 -1.91
N THR B 68 11.34 -7.58 -2.55
CA THR B 68 10.75 -7.37 -3.88
C THR B 68 11.19 -8.45 -4.88
N LYS B 69 10.44 -8.55 -5.99
CA LYS B 69 10.63 -9.58 -7.03
C LYS B 69 11.46 -9.14 -8.22
N TYR B 70 12.07 -7.97 -8.16
CA TYR B 70 12.84 -7.41 -9.26
C TYR B 70 14.22 -7.04 -8.72
N PRO B 71 15.27 -7.04 -9.57
CA PRO B 71 15.28 -7.26 -11.01
C PRO B 71 15.07 -8.70 -11.37
N GLU B 72 14.33 -8.97 -12.45
CA GLU B 72 13.98 -10.33 -12.80
C GLU B 72 15.21 -11.21 -13.08
N ASP B 73 16.30 -10.63 -13.57
CA ASP B 73 17.46 -11.47 -13.86
C ASP B 73 18.39 -11.62 -12.66
N ASP B 74 18.04 -11.05 -11.51
CA ASP B 74 18.69 -11.40 -10.26
C ASP B 74 17.72 -11.08 -9.14
N ALA B 75 16.63 -11.85 -9.09
CA ALA B 75 15.46 -11.53 -8.27
C ALA B 75 15.69 -11.79 -6.79
N ARG B 76 16.76 -11.26 -6.21
CA ARG B 76 17.04 -11.52 -4.81
C ARG B 76 16.61 -10.38 -3.92
N GLY B 77 16.00 -9.36 -4.47
CA GLY B 77 15.39 -8.35 -3.64
C GLY B 77 16.15 -7.06 -3.72
N THR B 78 15.43 -5.94 -3.56
CA THR B 78 16.02 -4.61 -3.57
C THR B 78 15.96 -3.95 -2.20
N TYR B 79 16.13 -4.74 -1.14
CA TYR B 79 16.28 -4.21 0.22
C TYR B 79 15.02 -3.51 0.72
N TYR B 80 13.86 -4.01 0.30
CA TYR B 80 12.56 -3.54 0.71
C TYR B 80 12.29 -2.12 0.24
N ILE B 81 13.05 -1.69 -0.77
CA ILE B 81 12.90 -0.39 -1.39
C ILE B 81 12.32 -0.62 -2.78
N THR B 82 11.36 0.21 -3.18
CA THR B 82 10.77 -0.03 -4.50
C THR B 82 11.72 0.40 -5.62
N ASN B 83 11.35 -0.01 -6.84
CA ASN B 83 12.10 0.43 -8.00
C ASN B 83 11.86 1.90 -8.27
N GLU B 84 10.79 2.47 -7.72
CA GLU B 84 10.66 3.92 -7.63
C GLU B 84 11.46 4.51 -6.47
N LEU B 85 12.17 3.69 -5.68
CA LEU B 85 13.04 4.19 -4.61
C LEU B 85 12.27 4.90 -3.51
N ASP B 86 11.09 4.37 -3.16
CA ASP B 86 10.26 4.97 -2.13
C ASP B 86 9.71 3.85 -1.25
N ASN B 87 8.72 4.19 -0.45
CA ASN B 87 8.18 3.35 0.62
C ASN B 87 7.08 2.40 0.18
N GLY B 88 6.82 2.28 -1.13
CA GLY B 88 5.65 1.53 -1.57
C GLY B 88 5.64 0.09 -1.08
N TYR B 89 6.80 -0.53 -0.99
CA TYR B 89 6.83 -1.92 -0.54
C TYR B 89 6.60 -2.02 0.98
N LEU B 90 7.29 -1.19 1.75
CA LEU B 90 7.00 -1.10 3.17
C LEU B 90 5.53 -0.77 3.44
N GLN B 91 4.95 0.14 2.65
CA GLN B 91 3.54 0.48 2.81
C GLN B 91 2.67 -0.77 2.71
N THR B 92 2.96 -1.64 1.75
CA THR B 92 2.17 -2.85 1.56
C THR B 92 2.35 -3.81 2.74
N ILE B 93 3.60 -4.03 3.16
CA ILE B 93 3.87 -4.87 4.34
C ILE B 93 3.08 -4.38 5.54
N HIS B 94 3.03 -3.05 5.71
CA HIS B 94 2.34 -2.43 6.84
C HIS B 94 0.84 -2.72 6.79
N CYS B 95 0.21 -2.53 5.62
CA CYS B 95 -1.21 -2.82 5.49
C CYS B 95 -1.49 -4.28 5.82
N ILE B 96 -0.62 -5.16 5.36
CA ILE B 96 -0.84 -6.59 5.56
C ILE B 96 -0.78 -6.91 7.04
N ILE B 97 0.25 -6.40 7.74
CA ILE B 97 0.37 -6.63 9.18
C ILE B 97 -0.81 -6.02 9.90
N GLN B 98 -1.15 -4.78 9.55
CA GLN B 98 -2.18 -4.08 10.33
C GLN B 98 -3.56 -4.73 10.18
N LEU B 99 -3.81 -5.40 9.06
CA LEU B 99 -5.16 -5.90 8.81
C LEU B 99 -5.31 -7.39 9.13
N LEU B 100 -4.21 -8.16 9.15
CA LEU B 100 -4.19 -9.57 9.55
C LEU B 100 -3.77 -9.83 10.99
N SER B 101 -3.01 -8.94 11.63
CA SER B 101 -2.59 -9.20 12.99
C SER B 101 -3.71 -8.94 13.97
N ASN B 102 -3.76 -9.75 15.04
CA ASN B 102 -4.78 -9.63 16.08
C ASN B 102 -4.19 -9.11 17.39
N THR B 103 -3.01 -8.48 17.34
CA THR B 103 -2.38 -7.87 18.52
C THR B 103 -2.04 -6.42 18.23
N ASN B 104 -1.80 -5.64 19.28
CA ASN B 104 -1.38 -4.26 19.07
C ASN B 104 0.13 -4.24 18.80
N GLN B 105 0.65 -3.05 18.48
CA GLN B 105 2.01 -2.97 17.98
C GLN B 105 3.05 -3.24 19.05
N GLU B 106 2.67 -3.13 20.33
CA GLU B 106 3.60 -3.40 21.42
C GLU B 106 3.76 -4.89 21.68
N ASP B 107 2.80 -5.71 21.24
CA ASP B 107 2.89 -7.16 21.31
C ASP B 107 3.35 -7.78 20.00
N THR B 108 3.89 -6.96 19.09
CA THR B 108 4.38 -7.37 17.79
C THR B 108 5.90 -7.26 17.75
N TYR B 109 6.58 -8.26 17.21
CA TYR B 109 8.05 -8.28 17.21
C TYR B 109 8.60 -8.49 15.81
N LEU B 110 9.50 -7.61 15.38
CA LEU B 110 10.12 -7.66 14.05
C LEU B 110 11.51 -8.28 14.13
N LEU B 111 11.74 -9.34 13.34
CA LEU B 111 12.98 -10.11 13.38
C LEU B 111 13.60 -10.20 11.99
N GLY B 112 14.91 -10.38 11.94
CA GLY B 112 15.62 -10.44 10.68
C GLY B 112 17.12 -10.30 10.92
N SER B 113 17.95 -10.87 10.06
CA SER B 113 19.31 -11.05 10.49
C SER B 113 20.39 -10.49 9.61
N OAS B 114 20.06 -9.98 8.44
CA OAS B 114 21.12 -9.34 7.68
CB OAS B 114 21.91 -10.37 6.79
OG OAS B 114 22.67 -9.72 5.76
C OAS B 114 20.36 -8.25 6.91
O OAS B 114 19.90 -7.24 7.46
C2A OAS B 114 23.19 -9.33 3.48
C1A OAS B 114 22.38 -10.10 4.45
OAC OAS B 114 21.28 -10.62 4.21
N LYS B 115 20.14 -8.49 5.61
CA LYS B 115 19.21 -7.67 4.84
C LYS B 115 17.86 -7.67 5.56
N GLY B 116 17.50 -8.83 6.13
CA GLY B 116 16.26 -8.95 6.87
C GLY B 116 16.20 -8.03 8.07
N GLY B 117 17.32 -7.81 8.73
CA GLY B 117 17.35 -6.84 9.83
C GLY B 117 17.12 -5.43 9.33
N VAL B 118 17.66 -5.12 8.16
CA VAL B 118 17.43 -3.80 7.58
C VAL B 118 15.94 -3.63 7.25
N GLY B 119 15.35 -4.65 6.61
CA GLY B 119 13.91 -4.61 6.38
C GLY B 119 13.14 -4.34 7.67
N ALA B 120 13.48 -5.08 8.73
CA ALA B 120 12.82 -4.90 10.02
C ALA B 120 12.91 -3.45 10.49
N LEU B 121 14.11 -2.85 10.40
CA LEU B 121 14.25 -1.47 10.86
C LEU B 121 13.49 -0.51 9.95
N LEU B 122 13.58 -0.70 8.63
CA LEU B 122 12.90 0.22 7.72
C LEU B 122 11.43 0.25 8.03
N LEU B 123 10.81 -0.92 8.21
CA LEU B 123 9.38 -0.96 8.54
C LEU B 123 9.13 -0.37 9.92
N GLY B 124 9.92 -0.80 10.90
CA GLY B 124 9.69 -0.37 12.26
C GLY B 124 9.87 1.12 12.43
N LEU B 125 10.91 1.68 11.81
CA LEU B 125 11.13 3.12 11.98
C LEU B 125 10.16 3.95 11.15
N THR B 126 9.58 3.40 10.08
CA THR B 126 8.63 4.19 9.32
C THR B 126 7.26 4.22 9.98
N TYR B 127 6.79 3.07 10.48
CA TYR B 127 5.40 2.93 10.91
C TYR B 127 5.29 2.69 12.41
N ASN B 128 6.36 2.92 13.15
CA ASN B 128 6.36 2.87 14.62
C ASN B 128 5.98 1.48 15.14
N TYR B 129 6.75 0.47 14.74
CA TYR B 129 6.71 -0.83 15.41
C TYR B 129 7.82 -0.84 16.45
N PRO B 130 7.52 -0.81 17.76
CA PRO B 130 8.58 -0.55 18.75
C PRO B 130 9.58 -1.70 18.93
N ASN B 131 9.16 -2.96 18.82
CA ASN B 131 10.01 -4.09 19.14
C ASN B 131 10.69 -4.57 17.86
N ILE B 132 12.00 -4.39 17.79
CA ILE B 132 12.80 -4.75 16.61
C ILE B 132 14.05 -5.43 17.13
N ILE B 133 14.20 -6.73 16.85
CA ILE B 133 15.29 -7.55 17.38
C ILE B 133 16.00 -8.19 16.20
N ILE B 134 17.19 -7.68 15.87
CA ILE B 134 17.83 -8.03 14.61
C ILE B 134 19.31 -8.27 14.84
N ASN B 135 19.95 -8.92 13.87
CA ASN B 135 21.37 -9.20 13.93
C ASN B 135 22.09 -8.59 12.73
N ALA B 136 23.19 -7.89 13.02
CA ALA B 136 24.17 -7.42 12.03
C ALA B 136 23.55 -6.79 10.78
N PRO B 137 22.71 -5.75 10.93
CA PRO B 137 22.16 -5.07 9.75
C PRO B 137 23.25 -4.34 8.99
N GLN B 138 23.03 -4.14 7.69
CA GLN B 138 23.90 -3.22 6.95
C GLN B 138 23.47 -1.78 7.25
N ALA B 139 24.44 -0.86 7.24
CA ALA B 139 24.11 0.55 7.33
C ALA B 139 24.19 1.24 5.98
N LYS B 140 25.29 1.06 5.26
CA LYS B 140 25.45 1.67 3.93
C LYS B 140 24.96 0.66 2.91
N LEU B 141 23.67 0.76 2.58
CA LEU B 141 23.01 -0.34 1.87
C LEU B 141 23.59 -0.53 0.47
N ALA B 142 23.92 0.57 -0.23
CA ALA B 142 24.36 0.42 -1.60
C ALA B 142 25.80 -0.10 -1.66
N ASP B 143 26.67 0.38 -0.77
CA ASP B 143 28.01 -0.19 -0.63
C ASP B 143 27.95 -1.72 -0.53
N TYR B 144 27.05 -2.25 0.31
CA TYR B 144 26.98 -3.69 0.45
C TYR B 144 26.44 -4.35 -0.81
N ILE B 145 25.29 -3.87 -1.32
CA ILE B 145 24.68 -4.46 -2.52
C ILE B 145 25.70 -4.53 -3.66
N LYS B 146 26.61 -3.56 -3.73
CA LYS B 146 27.63 -3.56 -4.79
C LYS B 146 28.53 -4.78 -4.71
N THR B 147 28.77 -5.29 -3.50
CA THR B 147 29.64 -6.45 -3.36
C THR B 147 28.94 -7.75 -3.74
N ARG B 148 27.60 -7.75 -3.78
CA ARG B 148 26.86 -8.99 -3.98
C ARG B 148 26.29 -9.13 -5.38
N SER B 149 25.95 -8.03 -6.06
CA SER B 149 25.31 -8.13 -7.36
C SER B 149 25.33 -6.81 -8.12
N LYS B 150 26.11 -6.72 -9.19
CA LYS B 150 26.01 -5.57 -10.08
C LYS B 150 24.62 -5.48 -10.73
N THR B 151 23.97 -6.62 -10.97
CA THR B 151 22.69 -6.61 -11.67
C THR B 151 21.65 -5.87 -10.86
N ILE B 152 21.59 -6.17 -9.55
CA ILE B 152 20.64 -5.51 -8.66
C ILE B 152 21.01 -4.04 -8.50
N LEU B 153 22.29 -3.74 -8.28
CA LEU B 153 22.67 -2.34 -8.06
C LEU B 153 22.32 -1.49 -9.28
N SER B 154 22.71 -1.96 -10.47
CA SER B 154 22.45 -1.21 -11.70
C SER B 154 20.96 -1.04 -11.96
N TYR B 155 20.16 -2.10 -11.71
CA TYR B 155 18.71 -1.96 -11.76
C TYR B 155 18.23 -0.82 -10.87
N MET B 156 18.71 -0.77 -9.62
CA MET B 156 18.20 0.24 -8.71
C MET B 156 18.78 1.62 -9.04
N LEU B 157 19.99 1.71 -9.61
CA LEU B 157 20.56 3.04 -9.85
C LEU B 157 19.83 3.75 -10.98
N GLY B 158 19.22 3.00 -11.89
CA GLY B 158 18.44 3.53 -12.98
C GLY B 158 19.28 3.77 -14.21
N THR B 159 18.57 4.04 -15.31
CA THR B 159 19.19 4.10 -16.62
C THR B 159 19.86 5.44 -16.93
N SER B 160 19.64 6.48 -16.14
CA SER B 160 20.18 7.82 -16.44
C SER B 160 21.50 8.05 -15.71
N LYS B 161 22.58 8.26 -16.46
CA LYS B 161 23.91 8.37 -15.86
C LYS B 161 24.00 9.57 -14.92
N ARG B 162 23.22 10.59 -15.22
CA ARG B 162 23.21 11.78 -14.40
C ARG B 162 22.67 11.53 -12.99
N PHE B 163 21.74 10.58 -12.82
CA PHE B 163 21.14 10.32 -11.51
C PHE B 163 21.67 9.06 -10.85
N GLN B 164 22.56 8.32 -11.51
CA GLN B 164 23.07 7.08 -10.93
C GLN B 164 23.82 7.33 -9.63
N ASP B 165 24.69 8.34 -9.60
CA ASP B 165 25.42 8.55 -8.36
C ASP B 165 24.56 9.22 -7.30
N ILE B 166 23.53 9.95 -7.72
CA ILE B 166 22.52 10.48 -6.79
C ILE B 166 21.70 9.34 -6.20
N ASN B 167 21.23 8.44 -7.06
CA ASN B 167 20.43 7.32 -6.57
C ASN B 167 21.29 6.41 -5.71
N TYR B 168 22.55 6.23 -6.09
CA TYR B 168 23.48 5.47 -5.26
C TYR B 168 23.50 5.98 -3.83
N ASP B 169 23.70 7.29 -3.65
CA ASP B 169 23.83 7.85 -2.31
C ASP B 169 22.51 7.84 -1.57
N TYR B 170 21.41 8.03 -2.31
CA TYR B 170 20.09 7.95 -1.72
C TYR B 170 19.81 6.54 -1.19
N ILE B 171 20.14 5.52 -1.99
CA ILE B 171 19.99 4.13 -1.53
C ILE B 171 20.91 3.88 -0.35
N ASN B 172 22.17 4.32 -0.46
CA ASN B 172 23.16 4.09 0.59
C ASN B 172 22.67 4.61 1.93
N ASP B 173 22.07 5.80 1.94
CA ASP B 173 21.63 6.45 3.17
C ASP B 173 20.15 6.22 3.46
N PHE B 174 19.51 5.26 2.78
CA PHE B 174 18.06 5.12 2.94
C PHE B 174 17.69 4.73 4.36
N LEU B 175 18.51 3.89 5.00
CA LEU B 175 18.25 3.50 6.38
C LEU B 175 18.57 4.65 7.32
N LEU B 176 19.74 5.25 7.15
CA LEU B 176 20.15 6.35 8.03
C LEU B 176 19.08 7.43 8.10
N SER B 177 18.45 7.75 6.95
CA SER B 177 17.43 8.79 6.97
C SER B 177 16.17 8.34 7.69
N LYS B 178 15.83 7.03 7.62
CA LYS B 178 14.72 6.53 8.43
C LYS B 178 14.97 6.78 9.90
N ILE B 179 16.21 6.63 10.34
CA ILE B 179 16.54 6.99 11.72
C ILE B 179 16.40 8.49 11.91
N LYS B 180 16.88 9.29 10.95
CA LYS B 180 16.85 10.74 11.12
C LYS B 180 15.43 11.30 11.16
N THR B 181 14.45 10.59 10.59
CA THR B 181 13.10 11.13 10.54
C THR B 181 12.10 10.34 11.38
N CYS B 182 12.58 9.44 12.24
CA CYS B 182 11.65 8.64 13.04
C CYS B 182 11.20 9.45 14.26
N ASP B 183 10.40 8.80 15.12
CA ASP B 183 9.52 9.53 16.02
C ASP B 183 10.19 10.05 17.29
N SER B 184 11.31 9.46 17.74
CA SER B 184 12.03 9.98 18.91
C SER B 184 11.25 9.91 20.23
N SER B 185 9.94 10.16 20.19
CA SER B 185 9.12 10.11 21.39
C SER B 185 8.54 8.72 21.64
N LEU B 186 8.54 7.84 20.64
CA LEU B 186 8.12 6.46 20.86
C LEU B 186 9.07 5.77 21.83
N LYS B 187 8.54 4.81 22.59
CA LYS B 187 9.36 4.00 23.49
C LYS B 187 9.88 2.84 22.67
N TRP B 188 11.01 3.05 21.99
CA TRP B 188 11.58 2.02 21.14
C TRP B 188 12.20 0.92 21.97
N ASN B 189 12.08 -0.31 21.49
CA ASN B 189 12.69 -1.49 22.07
C ASN B 189 13.53 -2.17 20.98
N ILE B 190 14.61 -1.51 20.58
CA ILE B 190 15.46 -1.98 19.50
C ILE B 190 16.66 -2.72 20.10
N HIS B 191 16.83 -3.99 19.69
CA HIS B 191 17.96 -4.82 20.09
C HIS B 191 18.72 -5.23 18.83
N ILE B 192 20.02 -4.96 18.80
CA ILE B 192 20.86 -5.33 17.67
C ILE B 192 22.04 -6.15 18.19
N THR B 193 22.08 -7.42 17.82
CA THR B 193 23.24 -8.26 18.08
C THR B 193 24.20 -8.20 16.89
N CYS B 194 25.40 -8.75 17.07
CA CYS B 194 26.36 -8.83 15.99
C CYS B 194 27.53 -9.70 16.45
N GLY B 195 28.03 -10.53 15.54
CA GLY B 195 29.14 -11.40 15.89
C GLY B 195 30.39 -10.61 16.20
N LYS B 196 31.10 -11.05 17.24
CA LYS B 196 32.28 -10.29 17.67
C LYS B 196 33.38 -10.32 16.64
N ASP B 197 33.33 -11.27 15.70
CA ASP B 197 34.31 -11.34 14.62
C ASP B 197 33.75 -10.81 13.31
N ASP B 198 32.54 -10.25 13.31
CA ASP B 198 31.97 -9.61 12.15
C ASP B 198 32.48 -8.16 12.10
N SER B 199 33.77 -8.01 11.78
CA SER B 199 34.36 -6.67 11.71
C SER B 199 33.55 -5.73 10.81
N TYR B 200 33.09 -6.22 9.66
CA TYR B 200 32.39 -5.34 8.72
C TYR B 200 31.10 -4.79 9.33
N HIS B 201 30.32 -5.64 9.99
CA HIS B 201 29.05 -5.20 10.49
C HIS B 201 29.14 -4.58 11.88
N LEU B 202 30.26 -4.74 12.58
CA LEU B 202 30.48 -3.95 13.78
C LEU B 202 30.70 -2.48 13.43
N ASN B 203 31.37 -2.23 12.30
CA ASN B 203 31.51 -0.84 11.86
C ASN B 203 30.19 -0.31 11.32
N GLU B 204 29.38 -1.15 10.65
CA GLU B 204 28.02 -0.73 10.31
C GLU B 204 27.22 -0.42 11.56
N LEU B 205 27.43 -1.18 12.63
CA LEU B 205 26.69 -0.93 13.87
C LEU B 205 27.08 0.40 14.50
N GLU B 206 28.38 0.70 14.55
CA GLU B 206 28.81 2.01 15.03
C GLU B 206 28.11 3.12 14.26
N ILE B 207 28.02 2.98 12.94
CA ILE B 207 27.39 4.02 12.13
C ILE B 207 25.92 4.19 12.53
N LEU B 208 25.21 3.08 12.68
CA LEU B 208 23.81 3.13 13.12
C LEU B 208 23.69 3.73 14.52
N LYS B 209 24.56 3.34 15.45
CA LYS B 209 24.50 3.86 16.81
C LYS B 209 24.60 5.37 16.83
N ASN B 210 25.59 5.93 16.12
CA ASN B 210 25.73 7.37 16.03
C ASN B 210 24.40 8.04 15.64
N GLU B 211 23.73 7.53 14.60
CA GLU B 211 22.52 8.18 14.13
C GLU B 211 21.44 8.14 15.19
N PHE B 212 21.31 7.01 15.89
CA PHE B 212 20.40 6.93 17.04
C PHE B 212 20.76 7.94 18.12
N ASN B 213 22.07 8.07 18.43
CA ASN B 213 22.50 9.00 19.46
C ASN B 213 22.08 10.42 19.11
N ILE B 214 22.38 10.85 17.88
CA ILE B 214 21.98 12.18 17.43
C ILE B 214 20.48 12.37 17.65
N LYS B 215 19.69 11.35 17.37
CA LYS B 215 18.24 11.42 17.56
C LYS B 215 17.81 11.19 19.00
N ALA B 216 18.75 10.95 19.91
CA ALA B 216 18.46 10.74 21.33
C ALA B 216 17.62 9.49 21.57
N ILE B 217 17.91 8.43 20.81
CA ILE B 217 17.26 7.13 20.94
C ILE B 217 18.24 6.15 21.59
N THR B 218 17.83 5.59 22.72
CA THR B 218 18.59 4.52 23.35
C THR B 218 18.24 3.19 22.71
N ILE B 219 19.25 2.42 22.34
CA ILE B 219 19.07 1.05 21.85
C ILE B 219 19.91 0.14 22.73
N LYS B 220 19.69 -1.17 22.56
CA LYS B 220 20.49 -2.19 23.23
C LYS B 220 21.27 -2.94 22.16
N THR B 221 22.56 -3.17 22.45
CA THR B 221 23.42 -3.98 21.60
C THR B 221 23.97 -5.15 22.40
N LYS B 222 24.38 -6.20 21.71
CA LYS B 222 25.03 -7.33 22.37
C LYS B 222 25.95 -8.03 21.39
N LEU B 223 27.24 -8.07 21.71
CA LEU B 223 28.17 -8.92 20.99
C LEU B 223 27.91 -10.37 21.35
N ILE B 224 27.94 -11.23 20.34
CA ILE B 224 27.73 -12.66 20.52
C ILE B 224 28.88 -13.38 19.84
N SER B 225 29.06 -14.65 20.20
CA SER B 225 30.17 -15.38 19.59
C SER B 225 29.85 -15.66 18.13
N GLY B 226 30.89 -15.72 17.32
CA GLY B 226 30.77 -15.92 15.89
C GLY B 226 31.14 -14.65 15.13
N GLY B 227 31.06 -14.79 13.81
CA GLY B 227 31.36 -13.70 12.90
C GLY B 227 30.18 -13.46 12.00
N ALA B 228 30.41 -13.42 10.69
CA ALA B 228 29.32 -13.33 9.71
C ALA B 228 29.02 -14.74 9.21
N ASP B 229 28.44 -15.53 10.12
CA ASP B 229 28.37 -16.97 9.96
C ASP B 229 27.20 -17.50 10.79
N ASN B 230 27.01 -18.82 10.75
CA ASN B 230 25.90 -19.41 11.46
C ASN B 230 26.14 -19.51 12.97
N GLU B 231 27.39 -19.44 13.42
CA GLU B 231 27.62 -19.33 14.85
C GLU B 231 26.94 -18.09 15.41
N ALA B 232 27.13 -16.95 14.74
CA ALA B 232 26.43 -15.75 15.15
C ALA B 232 24.92 -15.92 14.98
N ILE B 233 24.50 -16.52 13.86
CA ILE B 233 23.07 -16.72 13.63
C ILE B 233 22.48 -17.56 14.74
N ALA B 234 23.16 -18.65 15.11
CA ALA B 234 22.67 -19.50 16.19
C ALA B 234 22.44 -18.71 17.47
N HIS B 235 23.37 -17.80 17.79
CA HIS B 235 23.22 -17.05 19.02
C HIS B 235 22.16 -15.97 18.88
N TYR B 236 22.05 -15.37 17.69
CA TYR B 236 20.94 -14.46 17.45
C TYR B 236 19.60 -15.14 17.72
N ARG B 237 19.42 -16.37 17.24
CA ARG B 237 18.13 -17.02 17.43
C ARG B 237 17.84 -17.26 18.91
N GLU B 238 18.82 -17.77 19.66
CA GLU B 238 18.64 -17.91 21.10
C GLU B 238 18.34 -16.56 21.75
N TYR B 239 19.01 -15.50 21.30
CA TYR B 239 18.78 -14.18 21.89
C TYR B 239 17.33 -13.75 21.70
N PHE B 240 16.81 -13.80 20.46
CA PHE B 240 15.45 -13.30 20.27
C PHE B 240 14.42 -14.26 20.87
N LYS B 241 14.75 -15.55 20.98
CA LYS B 241 13.80 -16.46 21.61
C LYS B 241 13.64 -16.15 23.10
N THR B 242 14.69 -15.68 23.75
CA THR B 242 14.51 -15.36 25.18
C THR B 242 13.77 -14.04 25.34
N ILE B 243 14.11 -13.05 24.51
CA ILE B 243 13.46 -11.75 24.62
C ILE B 243 11.96 -11.87 24.42
N ILE B 244 11.51 -12.64 23.42
CA ILE B 244 10.08 -12.80 23.22
C ILE B 244 9.46 -13.57 24.39
N GLN B 245 10.20 -14.52 24.98
CA GLN B 245 9.67 -15.31 26.10
C GLN B 245 10.02 -14.69 27.45
N1A COA C . -19.23 11.90 9.13
C2A COA C . -20.47 11.81 9.65
N3A COA C . -21.50 11.35 8.88
C4A COA C . -21.28 10.97 7.58
C5A COA C . -20.06 11.05 7.06
C6A COA C . -19.00 11.53 7.84
N6A COA C . -17.50 11.76 7.62
N7A COA C . -20.13 10.62 5.77
C8A COA C . -21.40 10.27 5.52
N9A COA C . -22.11 10.49 6.63
C1B COA C . -23.48 10.28 6.80
C2B COA C . -24.17 11.29 6.26
O2B COA C . -24.32 12.39 7.22
C3B COA C . -25.51 10.63 5.91
O3B COA C . -26.21 10.41 7.05
P3B COA C . -27.67 11.19 7.40
O7A COA C . -28.17 11.95 6.21
O8A COA C . -28.68 10.21 7.79
O9A COA C . -27.43 12.11 8.52
C4B COA C . -25.06 9.23 5.34
O4B COA C . -23.93 8.96 5.92
C5B COA C . -24.87 9.25 3.82
O5B COA C . -26.13 8.82 3.30
P1A COA C . -26.29 8.08 1.70
O1A COA C . -26.19 6.56 1.86
O2A COA C . -25.19 8.65 0.73
O3A COA C . -27.76 8.33 1.13
P2A COA C . -28.54 9.81 1.00
O4A COA C . -30.01 9.52 0.85
O5A COA C . -28.22 10.66 2.21
O6A COA C . -28.02 10.58 -0.43
CBP COA C . -26.52 11.98 -1.50
CCP COA C . -27.27 11.72 -0.23
CDP COA C . -26.53 13.47 -1.75
CEP COA C . -27.21 11.24 -2.70
CAP COA C . -25.09 11.40 -1.28
OAP COA C . -25.05 10.02 -1.65
C9P COA C . -24.12 12.17 -2.13
O9P COA C . -23.57 13.17 -1.71
N8P COA C . -23.84 11.65 -3.48
C7P COA C . -22.91 12.37 -4.31
C6P COA C . -23.54 12.48 -5.79
C5P COA C . -22.56 13.41 -6.62
O5P COA C . -22.33 13.15 -7.74
N4P COA C . -21.96 14.55 -5.93
C3P COA C . -21.02 15.48 -6.66
C2P COA C . -21.85 16.39 -7.58
S1P COA C . -20.77 17.42 -8.58
C1 PEG D . -16.02 -14.90 11.73
O1 PEG D . -17.07 -13.99 11.62
C2 PEG D . -14.76 -14.20 12.27
O2 PEG D . -13.83 -13.91 11.27
C3 PEG D . -12.72 -13.22 11.80
C4 PEG D . -12.14 -12.22 10.80
O4 PEG D . -13.13 -11.78 9.92
N1A COA E . 10.25 -21.70 -0.50
C2A COA E . 10.46 -22.99 -0.16
N3A COA E . 11.07 -23.29 1.04
C4A COA E . 11.47 -22.29 1.88
C5A COA E . 11.26 -21.00 1.56
C6A COA E . 10.63 -20.69 0.34
N6A COA E . 10.24 -19.37 -0.36
N7A COA E . 11.74 -20.23 2.55
C8A COA E . 12.23 -21.05 3.49
N9A COA E . 12.06 -22.31 3.09
C1B COA E . 12.47 -23.47 3.76
C2B COA E . 13.81 -23.48 3.86
O2B COA E . 14.51 -24.09 2.70
C3B COA E . 14.02 -24.42 5.04
O3B COA E . 13.56 -25.65 4.73
P3B COA E . 14.62 -26.95 4.71
O7A COA E . 16.03 -26.48 4.66
O8A COA E . 14.36 -27.69 5.94
O9A COA E . 14.33 -27.79 3.52
C4B COA E . 13.05 -23.74 6.04
O4B COA E . 12.00 -23.39 5.32
C5B COA E . 13.84 -22.54 6.55
O5B COA E . 13.45 -22.52 7.91
P1A COA E . 14.23 -21.47 9.04
O1A COA E . 13.13 -21.10 10.02
O2A COA E . 14.99 -20.24 8.43
O3A COA E . 15.30 -22.29 9.93
P2A COA E . 16.64 -23.14 9.42
O4A COA E . 17.34 -23.56 10.70
O5A COA E . 16.18 -24.29 8.55
O6A COA E . 17.70 -22.13 8.56
CBP COA E . 19.19 -20.33 8.38
CCP COA E . 18.43 -21.24 9.33
CDP COA E . 19.86 -21.18 7.32
CEP COA E . 20.26 -19.54 9.21
CAP COA E . 18.20 -19.30 7.73
OAP COA E . 17.35 -18.78 8.78
C9P COA E . 18.97 -18.17 7.15
O9P COA E . 19.71 -18.35 6.21
N8P COA E . 18.87 -16.80 7.74
C7P COA E . 19.63 -15.70 7.18
C6P COA E . 21.20 -15.72 7.57
C5P COA E . 21.75 -14.26 7.24
O5P COA E . 21.32 -13.40 7.90
N4P COA E . 22.74 -13.85 6.23
C3P COA E . 23.47 -14.70 5.21
C2P COA E . 23.71 -13.81 3.96
S1P COA E . 24.87 -12.46 4.26
C1 EDO F . -7.44 -11.70 10.73
O1 EDO F . -7.54 -11.23 12.08
C2 EDO F . -8.54 -12.71 10.42
O2 EDO F . -8.81 -12.68 9.02
C1 PEG G . 11.34 2.73 -12.92
O1 PEG G . 11.21 3.63 -11.84
C2 PEG G . 11.67 1.31 -12.46
O2 PEG G . 13.07 1.05 -12.34
C3 PEG G . 13.88 2.17 -12.09
C4 PEG G . 14.88 1.86 -10.97
O4 PEG G . 15.54 3.05 -10.59
#